data_2R0C
#
_entry.id   2R0C
#
_cell.length_a   63.220
_cell.length_b   77.562
_cell.length_c   64.673
_cell.angle_alpha   90.00
_cell.angle_beta   108.04
_cell.angle_gamma   90.00
#
_symmetry.space_group_name_H-M   'P 1 21 1'
#
loop_
_entity.id
_entity.type
_entity.pdbx_description
1 polymer RebC
2 non-polymer 'CHLORIDE ION'
3 non-polymer 'FLAVIN-ADENINE DINUCLEOTIDE'
4 water water
#
_entity_poly.entity_id   1
_entity_poly.type   'polypeptide(L)'
_entity_poly.pdbx_seq_one_letter_code
;MGSSHHHHHHSSGLVPRGSHMNAPIETDVLILGGGPVGMALALDLAHRQVGHLVVEQTDGTITHPRVGTIGPRSMELFRR
WGVAKQIRTAGWPGDHPLDAAWVTRVGGHEVYRIPLGTADTRATPEHTPEPDAICPQHWLAPLLAEAVGERLRTRSRLDS
FEQRDDHVRATITDLRTGATRAVHARYLVACDGASSPTRKALGIDAPPRHRTQVFRNILFRAPELRSLLGERAALFFFLM
LSSSLRFPLRALDGRGLYRLTVGVDDASKSTMDSFELVRRAVAFDTEIEVLSDSEWHLTHRVADSFSAGRVFLTGDAAHT
LSPSGGFGMNTGIGSAADLGWKLAATLRGWAGPGLLATYEEERRPVAITSLEEANVNLRRTMDRELPPGLHDDGPRGERI
RAAVAEKLERSGARREFDAPGIHFGHTYRSSIVCGEPETEVATGGWRPSARPGARAPHAWLTPTTSTLDLFGRGFVLLSF
GTTDGVEAVTRAFADRHVPLETVTCHAPEIHALYERAHVLVRPDGHVAWRGDHLPAELGGLVDKVRGAA
;
_entity_poly.pdbx_strand_id   A
#
# COMPACT_ATOMS: atom_id res chain seq x y z
N ASN A 22 4.55 -38.66 -0.13
CA ASN A 22 4.01 -37.80 -1.22
C ASN A 22 5.14 -37.07 -1.92
N ALA A 23 5.11 -37.06 -3.25
CA ALA A 23 6.13 -36.40 -4.05
C ALA A 23 6.10 -34.89 -3.81
N PRO A 24 7.20 -34.20 -4.17
CA PRO A 24 7.26 -32.74 -3.97
C PRO A 24 6.27 -31.98 -4.84
N ILE A 25 5.64 -30.98 -4.25
CA ILE A 25 4.68 -30.13 -4.97
C ILE A 25 5.47 -29.05 -5.69
N GLU A 26 5.19 -28.88 -6.98
CA GLU A 26 5.91 -27.88 -7.77
C GLU A 26 5.02 -26.70 -8.13
N THR A 27 5.59 -25.51 -8.06
CA THR A 27 4.88 -24.28 -8.38
C THR A 27 5.94 -23.26 -8.77
N ASP A 28 5.57 -22.29 -9.59
CA ASP A 28 6.53 -21.30 -10.04
C ASP A 28 6.94 -20.32 -8.94
N VAL A 29 5.99 -19.90 -8.13
CA VAL A 29 6.29 -18.95 -7.06
C VAL A 29 5.63 -19.35 -5.75
N LEU A 30 6.45 -19.50 -4.72
CA LEU A 30 5.95 -19.84 -3.40
C LEU A 30 5.97 -18.54 -2.62
N ILE A 31 4.80 -18.12 -2.18
CA ILE A 31 4.68 -16.89 -1.41
C ILE A 31 4.59 -17.26 0.06
N LEU A 32 5.59 -16.82 0.82
CA LEU A 32 5.64 -17.09 2.27
C LEU A 32 5.01 -15.91 3.01
N GLY A 33 3.85 -16.14 3.61
CA GLY A 33 3.19 -15.08 4.34
C GLY A 33 1.94 -14.62 3.61
N GLY A 34 0.80 -14.76 4.28
CA GLY A 34 -0.47 -14.37 3.70
C GLY A 34 -1.03 -13.08 4.26
N GLY A 35 -0.12 -12.15 4.57
CA GLY A 35 -0.54 -10.86 5.08
C GLY A 35 -0.99 -10.03 3.88
N PRO A 36 -1.31 -8.74 4.06
CA PRO A 36 -1.74 -7.90 2.94
C PRO A 36 -0.81 -7.89 1.73
N VAL A 37 0.50 -7.85 1.97
CA VAL A 37 1.45 -7.81 0.85
C VAL A 37 1.55 -9.14 0.12
N GLY A 38 1.59 -10.23 0.88
CA GLY A 38 1.67 -11.55 0.26
C GLY A 38 0.45 -11.79 -0.61
N MET A 39 -0.72 -11.39 -0.12
CA MET A 39 -1.95 -11.59 -0.87
C MET A 39 -2.00 -10.67 -2.10
N ALA A 40 -1.41 -9.49 -1.99
CA ALA A 40 -1.36 -8.58 -3.13
C ALA A 40 -0.50 -9.21 -4.21
N LEU A 41 0.62 -9.84 -3.80
CA LEU A 41 1.49 -10.47 -4.77
C LEU A 41 0.76 -11.65 -5.41
N ALA A 42 0.02 -12.40 -4.61
CA ALA A 42 -0.74 -13.53 -5.13
C ALA A 42 -1.73 -13.03 -6.17
N LEU A 43 -2.35 -11.89 -5.90
CA LEU A 43 -3.33 -11.34 -6.82
C LEU A 43 -2.69 -10.88 -8.12
N ASP A 44 -1.48 -10.33 -8.02
CA ASP A 44 -0.80 -9.90 -9.24
C ASP A 44 -0.39 -11.13 -10.06
N LEU A 45 0.11 -12.18 -9.40
CA LEU A 45 0.51 -13.38 -10.13
C LEU A 45 -0.70 -14.07 -10.76
N ALA A 46 -1.83 -14.07 -10.05
CA ALA A 46 -3.07 -14.65 -10.57
C ALA A 46 -3.44 -13.87 -11.83
N HIS A 47 -3.40 -12.54 -11.71
CA HIS A 47 -3.71 -11.66 -12.82
C HIS A 47 -2.80 -11.92 -14.02
N ARG A 48 -1.56 -12.33 -13.75
CA ARG A 48 -0.61 -12.60 -14.82
C ARG A 48 -0.53 -14.08 -15.21
N GLN A 49 -1.46 -14.89 -14.68
CA GLN A 49 -1.51 -16.32 -14.97
C GLN A 49 -0.24 -17.07 -14.59
N VAL A 50 0.39 -16.67 -13.49
CA VAL A 50 1.60 -17.31 -13.01
C VAL A 50 1.21 -18.27 -11.90
N GLY A 51 1.71 -19.50 -11.96
CA GLY A 51 1.38 -20.49 -10.95
C GLY A 51 2.03 -20.11 -9.63
N HIS A 52 1.26 -20.13 -8.56
CA HIS A 52 1.78 -19.78 -7.25
C HIS A 52 1.02 -20.46 -6.14
N LEU A 53 1.57 -20.33 -4.94
CA LEU A 53 0.98 -20.91 -3.75
C LEU A 53 1.37 -20.01 -2.61
N VAL A 54 0.42 -19.76 -1.72
CA VAL A 54 0.67 -18.91 -0.57
C VAL A 54 0.56 -19.75 0.69
N VAL A 55 1.58 -19.69 1.54
CA VAL A 55 1.51 -20.43 2.79
C VAL A 55 1.42 -19.42 3.94
N GLU A 56 0.39 -19.60 4.77
CA GLU A 56 0.15 -18.73 5.90
C GLU A 56 0.05 -19.61 7.14
N GLN A 57 0.90 -19.36 8.14
CA GLN A 57 0.92 -20.17 9.35
C GLN A 57 -0.31 -20.06 10.24
N THR A 58 -0.95 -18.89 10.24
CA THR A 58 -2.15 -18.71 11.06
C THR A 58 -3.35 -19.24 10.30
N ASP A 59 -4.55 -19.07 10.87
CA ASP A 59 -5.76 -19.54 10.22
C ASP A 59 -6.44 -18.45 9.42
N GLY A 60 -5.75 -17.34 9.20
CA GLY A 60 -6.31 -16.23 8.43
C GLY A 60 -7.24 -15.32 9.22
N THR A 61 -7.58 -15.72 10.44
CA THR A 61 -8.48 -14.95 11.30
C THR A 61 -7.84 -13.65 11.80
N ILE A 62 -8.66 -12.62 11.97
CA ILE A 62 -8.21 -11.32 12.46
C ILE A 62 -8.97 -10.96 13.74
N THR A 63 -8.23 -10.72 14.82
CA THR A 63 -8.86 -10.38 16.10
C THR A 63 -8.65 -8.92 16.49
N HIS A 64 -7.65 -8.29 15.88
CA HIS A 64 -7.36 -6.88 16.15
C HIS A 64 -6.76 -6.28 14.88
N PRO A 65 -7.61 -5.64 14.06
CA PRO A 65 -7.19 -5.02 12.79
C PRO A 65 -5.98 -4.11 12.95
N ARG A 66 -4.97 -4.33 12.12
CA ARG A 66 -3.74 -3.55 12.14
C ARG A 66 -3.69 -2.58 10.96
N VAL A 67 -4.47 -2.87 9.92
CA VAL A 67 -4.50 -2.00 8.75
C VAL A 67 -5.94 -1.68 8.38
N GLY A 68 -6.13 -0.65 7.56
CA GLY A 68 -7.47 -0.26 7.16
C GLY A 68 -7.47 0.78 6.07
N THR A 69 -6.60 1.77 6.20
CA THR A 69 -6.50 2.83 5.22
C THR A 69 -5.81 2.32 3.96
N ILE A 70 -6.47 2.46 2.82
CA ILE A 70 -5.91 2.01 1.54
C ILE A 70 -5.78 3.22 0.63
N GLY A 71 -4.54 3.58 0.28
CA GLY A 71 -4.27 4.73 -0.57
C GLY A 71 -4.86 4.59 -1.97
N PRO A 72 -5.00 5.70 -2.70
CA PRO A 72 -5.57 5.63 -4.06
C PRO A 72 -4.76 4.79 -5.06
N ARG A 73 -3.43 4.76 -4.91
CA ARG A 73 -2.62 3.96 -5.83
C ARG A 73 -2.85 2.48 -5.58
N SER A 74 -2.92 2.10 -4.31
CA SER A 74 -3.18 0.72 -3.93
C SER A 74 -4.53 0.30 -4.51
N MET A 75 -5.51 1.20 -4.46
CA MET A 75 -6.82 0.87 -4.99
C MET A 75 -6.77 0.73 -6.51
N GLU A 76 -5.91 1.50 -7.17
CA GLU A 76 -5.78 1.37 -8.62
C GLU A 76 -5.22 -0.02 -8.89
N LEU A 77 -4.37 -0.51 -7.99
CA LEU A 77 -3.81 -1.84 -8.15
C LEU A 77 -4.88 -2.90 -7.84
N PHE A 78 -5.67 -2.68 -6.79
CA PHE A 78 -6.74 -3.64 -6.48
C PHE A 78 -7.77 -3.61 -7.63
N ARG A 79 -7.87 -2.47 -8.32
CA ARG A 79 -8.78 -2.34 -9.46
C ARG A 79 -8.26 -3.30 -10.52
N ARG A 80 -6.96 -3.17 -10.81
CA ARG A 80 -6.30 -4.03 -11.80
C ARG A 80 -6.49 -5.51 -11.46
N TRP A 81 -6.39 -5.83 -10.17
CA TRP A 81 -6.52 -7.22 -9.73
C TRP A 81 -7.95 -7.71 -9.55
N GLY A 82 -8.92 -6.85 -9.83
CA GLY A 82 -10.32 -7.22 -9.73
C GLY A 82 -11.01 -7.28 -8.37
N VAL A 83 -10.48 -6.59 -7.37
CA VAL A 83 -11.09 -6.62 -6.04
C VAL A 83 -11.43 -5.26 -5.47
N ALA A 84 -11.24 -4.20 -6.25
CA ALA A 84 -11.51 -2.84 -5.78
C ALA A 84 -12.98 -2.69 -5.39
N LYS A 85 -13.87 -3.30 -6.16
CA LYS A 85 -15.31 -3.23 -5.88
C LYS A 85 -15.65 -3.83 -4.53
N GLN A 86 -15.22 -5.07 -4.30
CA GLN A 86 -15.50 -5.73 -3.03
C GLN A 86 -14.89 -4.98 -1.85
N ILE A 87 -13.75 -4.35 -2.07
CA ILE A 87 -13.10 -3.61 -0.99
C ILE A 87 -13.93 -2.38 -0.63
N ARG A 88 -14.34 -1.64 -1.63
CA ARG A 88 -15.11 -0.42 -1.40
C ARG A 88 -16.49 -0.68 -0.80
N THR A 89 -17.08 -1.84 -1.05
CA THR A 89 -18.40 -2.18 -0.51
C THR A 89 -18.36 -3.14 0.67
N ALA A 90 -17.18 -3.29 1.27
CA ALA A 90 -16.98 -4.21 2.39
C ALA A 90 -17.70 -3.83 3.69
N GLY A 91 -18.19 -2.60 3.78
CA GLY A 91 -18.88 -2.23 5.00
C GLY A 91 -18.69 -0.81 5.49
N TRP A 92 -17.67 -0.10 5.02
CA TRP A 92 -17.48 1.27 5.47
C TRP A 92 -18.72 2.06 5.01
N PRO A 93 -19.36 2.80 5.94
CA PRO A 93 -20.55 3.61 5.65
C PRO A 93 -20.34 4.76 4.67
N GLY A 94 -21.10 4.75 3.57
CA GLY A 94 -20.98 5.80 2.58
C GLY A 94 -21.28 7.19 3.12
N ASP A 95 -22.05 7.25 4.21
CA ASP A 95 -22.40 8.53 4.79
C ASP A 95 -21.59 8.89 6.04
N HIS A 96 -20.57 8.10 6.36
CA HIS A 96 -19.75 8.39 7.54
C HIS A 96 -18.73 9.47 7.21
N PRO A 97 -18.62 10.50 8.06
CA PRO A 97 -17.65 11.57 7.80
C PRO A 97 -16.22 11.02 7.69
N LEU A 98 -15.42 11.60 6.81
CA LEU A 98 -14.04 11.17 6.62
C LEU A 98 -13.10 12.20 7.24
N ASP A 99 -13.68 13.16 7.97
CA ASP A 99 -12.93 14.24 8.61
C ASP A 99 -11.86 13.79 9.60
N ALA A 100 -10.89 14.68 9.81
CA ALA A 100 -9.81 14.49 10.77
C ALA A 100 -10.06 15.68 11.68
N ALA A 101 -10.10 15.47 13.00
CA ALA A 101 -10.38 16.57 13.91
C ALA A 101 -9.58 16.54 15.20
N TRP A 102 -8.99 17.67 15.53
CA TRP A 102 -8.21 17.82 16.76
C TRP A 102 -9.21 18.31 17.80
N VAL A 103 -9.39 17.55 18.87
CA VAL A 103 -10.36 17.90 19.89
C VAL A 103 -9.82 17.74 21.31
N THR A 104 -10.43 18.44 22.26
CA THR A 104 -10.01 18.32 23.66
C THR A 104 -10.57 17.00 24.20
N ARG A 105 -11.62 16.51 23.56
CA ARG A 105 -12.27 15.27 23.94
C ARG A 105 -13.28 14.93 22.85
N VAL A 106 -13.45 13.65 22.55
CA VAL A 106 -14.40 13.25 21.51
C VAL A 106 -15.80 13.59 22.01
N GLY A 107 -16.43 14.58 21.36
CA GLY A 107 -17.76 15.00 21.77
C GLY A 107 -17.64 16.27 22.59
N GLY A 108 -16.41 16.70 22.84
CA GLY A 108 -16.16 17.91 23.59
C GLY A 108 -15.72 19.04 22.69
N HIS A 109 -15.09 20.07 23.25
CA HIS A 109 -14.64 21.20 22.45
C HIS A 109 -13.69 20.77 21.34
N GLU A 110 -13.93 21.26 20.13
CA GLU A 110 -13.08 20.93 19.01
C GLU A 110 -12.09 22.06 18.82
N VAL A 111 -10.87 21.73 18.42
CA VAL A 111 -9.87 22.75 18.20
C VAL A 111 -9.69 23.02 16.71
N TYR A 112 -9.53 21.96 15.94
CA TYR A 112 -9.35 22.08 14.50
C TYR A 112 -9.93 20.87 13.77
N ARG A 113 -10.73 21.14 12.75
CA ARG A 113 -11.35 20.07 11.97
C ARG A 113 -11.14 20.27 10.48
N ILE A 114 -10.68 19.22 9.80
CA ILE A 114 -10.46 19.27 8.36
C ILE A 114 -11.60 18.49 7.70
N PRO A 115 -12.57 19.20 7.11
CA PRO A 115 -13.70 18.55 6.45
C PRO A 115 -13.24 17.79 5.20
N LEU A 116 -13.59 16.51 5.14
CA LEU A 116 -13.21 15.67 4.01
C LEU A 116 -14.40 14.94 3.42
N GLY A 117 -15.60 15.41 3.75
CA GLY A 117 -16.81 14.80 3.22
C GLY A 117 -17.06 13.35 3.60
N THR A 118 -17.81 12.66 2.75
CA THR A 118 -18.13 11.26 2.96
C THR A 118 -17.87 10.49 1.67
N ALA A 119 -17.82 9.16 1.77
CA ALA A 119 -17.57 8.35 0.60
C ALA A 119 -18.61 8.64 -0.49
N ASP A 120 -19.86 8.84 -0.08
CA ASP A 120 -20.94 9.11 -1.03
C ASP A 120 -21.06 10.54 -1.56
N THR A 121 -20.50 11.50 -0.85
CA THR A 121 -20.61 12.90 -1.27
C THR A 121 -19.31 13.52 -1.77
N ARG A 122 -18.23 12.78 -1.61
CA ARG A 122 -16.91 13.24 -2.02
C ARG A 122 -16.81 13.45 -3.53
N ALA A 123 -16.25 14.59 -3.92
CA ALA A 123 -16.09 14.91 -5.34
C ALA A 123 -15.15 13.92 -6.01
N THR A 124 -15.52 13.48 -7.21
CA THR A 124 -14.71 12.52 -7.96
C THR A 124 -13.30 13.08 -8.13
N PRO A 125 -12.27 12.27 -7.81
CA PRO A 125 -10.88 12.72 -7.95
C PRO A 125 -10.50 12.93 -9.41
N GLU A 126 -9.72 13.97 -9.68
CA GLU A 126 -9.33 14.28 -11.06
C GLU A 126 -8.14 13.46 -11.59
N HIS A 127 -7.21 13.10 -10.71
CA HIS A 127 -6.02 12.37 -11.12
C HIS A 127 -6.09 10.85 -10.98
N THR A 128 -7.24 10.32 -10.59
CA THR A 128 -7.37 8.88 -10.41
C THR A 128 -8.80 8.35 -10.53
N PRO A 129 -8.93 7.10 -11.00
CA PRO A 129 -10.27 6.50 -11.13
C PRO A 129 -10.62 5.85 -9.78
N GLU A 130 -9.65 5.84 -8.86
CA GLU A 130 -9.86 5.20 -7.56
C GLU A 130 -9.47 6.02 -6.34
N PRO A 131 -10.45 6.68 -5.69
CA PRO A 131 -10.11 7.47 -4.49
C PRO A 131 -9.68 6.52 -3.38
N ASP A 132 -9.15 7.04 -2.28
CA ASP A 132 -8.73 6.16 -1.21
C ASP A 132 -9.93 5.43 -0.60
N ALA A 133 -9.66 4.37 0.16
CA ALA A 133 -10.73 3.59 0.77
C ALA A 133 -10.40 3.19 2.19
N ILE A 134 -11.43 2.84 2.95
CA ILE A 134 -11.27 2.40 4.34
C ILE A 134 -11.80 0.97 4.39
N CYS A 135 -10.92 0.02 4.67
CA CYS A 135 -11.33 -1.37 4.75
C CYS A 135 -10.52 -2.09 5.83
N PRO A 136 -10.97 -1.99 7.09
CA PRO A 136 -10.27 -2.64 8.21
C PRO A 136 -9.87 -4.07 7.88
N GLN A 137 -8.74 -4.49 8.45
CA GLN A 137 -8.23 -5.82 8.19
C GLN A 137 -9.19 -6.98 8.39
N HIS A 138 -10.14 -6.87 9.32
CA HIS A 138 -11.08 -7.97 9.55
C HIS A 138 -12.06 -8.16 8.39
N TRP A 139 -12.11 -7.19 7.47
CA TRP A 139 -12.95 -7.31 6.28
C TRP A 139 -12.03 -7.62 5.10
N LEU A 140 -10.91 -6.92 5.05
CA LEU A 140 -9.91 -7.08 3.99
C LEU A 140 -9.35 -8.48 3.86
N ALA A 141 -8.95 -9.10 4.97
CA ALA A 141 -8.37 -10.44 4.93
C ALA A 141 -9.31 -11.43 4.25
N PRO A 142 -10.57 -11.50 4.70
CA PRO A 142 -11.54 -12.42 4.10
C PRO A 142 -11.74 -12.24 2.60
N LEU A 143 -11.79 -10.98 2.16
CA LEU A 143 -11.98 -10.68 0.74
C LEU A 143 -10.80 -11.12 -0.10
N LEU A 144 -9.59 -10.81 0.36
CA LEU A 144 -8.40 -11.21 -0.37
C LEU A 144 -8.31 -12.73 -0.43
N ALA A 145 -8.58 -13.38 0.70
CA ALA A 145 -8.52 -14.83 0.77
C ALA A 145 -9.52 -15.45 -0.19
N GLU A 146 -10.68 -14.81 -0.34
CA GLU A 146 -11.71 -15.32 -1.24
C GLU A 146 -11.21 -15.18 -2.68
N ALA A 147 -10.62 -14.04 -2.99
CA ALA A 147 -10.08 -13.78 -4.32
C ALA A 147 -8.94 -14.72 -4.68
N VAL A 148 -8.06 -14.99 -3.73
CA VAL A 148 -6.92 -15.89 -3.99
C VAL A 148 -7.36 -17.35 -4.04
N GLY A 149 -8.42 -17.68 -3.30
CA GLY A 149 -8.93 -19.03 -3.31
C GLY A 149 -8.04 -20.16 -2.83
N GLU A 150 -8.16 -21.30 -3.51
CA GLU A 150 -7.42 -22.51 -3.21
C GLU A 150 -5.89 -22.33 -3.13
N ARG A 151 -5.37 -21.32 -3.80
CA ARG A 151 -3.94 -21.05 -3.80
C ARG A 151 -3.43 -20.61 -2.41
N LEU A 152 -4.34 -20.23 -1.52
CA LEU A 152 -3.94 -19.82 -0.17
C LEU A 152 -4.05 -21.00 0.79
N ARG A 153 -2.92 -21.39 1.37
CA ARG A 153 -2.92 -22.50 2.32
C ARG A 153 -2.71 -21.96 3.73
N THR A 154 -3.76 -21.96 4.54
CA THR A 154 -3.66 -21.46 5.91
C THR A 154 -3.19 -22.61 6.82
N ARG A 155 -2.81 -22.28 8.04
CA ARG A 155 -2.31 -23.29 8.99
C ARG A 155 -1.17 -24.09 8.35
N SER A 156 -0.33 -23.40 7.57
CA SER A 156 0.81 -24.03 6.91
C SER A 156 2.04 -23.22 7.28
N ARG A 157 3.03 -23.88 7.86
CA ARG A 157 4.23 -23.19 8.27
C ARG A 157 5.48 -23.58 7.50
N LEU A 158 6.14 -22.60 6.91
CA LEU A 158 7.36 -22.87 6.18
C LEU A 158 8.40 -22.97 7.29
N ASP A 159 9.02 -24.13 7.42
CA ASP A 159 10.01 -24.36 8.45
C ASP A 159 11.39 -23.96 7.99
N SER A 160 11.77 -24.40 6.80
CA SER A 160 13.08 -24.10 6.25
C SER A 160 13.08 -24.19 4.74
N PHE A 161 14.09 -23.60 4.12
CA PHE A 161 14.20 -23.63 2.67
C PHE A 161 15.65 -23.89 2.27
N GLU A 162 15.83 -24.54 1.14
CA GLU A 162 17.15 -24.83 0.62
C GLU A 162 17.20 -24.47 -0.85
N GLN A 163 18.05 -23.51 -1.20
CA GLN A 163 18.14 -23.11 -2.58
C GLN A 163 18.94 -24.11 -3.40
N ARG A 164 18.51 -24.28 -4.65
CA ARG A 164 19.20 -25.15 -5.60
C ARG A 164 19.50 -24.24 -6.78
N ASP A 165 20.12 -24.77 -7.82
CA ASP A 165 20.48 -23.96 -8.97
C ASP A 165 19.32 -23.36 -9.76
N ASP A 166 18.26 -24.12 -9.95
CA ASP A 166 17.12 -23.62 -10.72
C ASP A 166 15.81 -23.57 -9.93
N HIS A 167 15.87 -23.87 -8.64
CA HIS A 167 14.66 -23.83 -7.83
C HIS A 167 14.99 -23.74 -6.35
N VAL A 168 13.95 -23.55 -5.54
CA VAL A 168 14.12 -23.48 -4.11
C VAL A 168 13.27 -24.56 -3.48
N ARG A 169 13.85 -25.32 -2.56
CA ARG A 169 13.13 -26.39 -1.89
C ARG A 169 12.71 -25.90 -0.51
N ALA A 170 11.42 -25.96 -0.23
CA ALA A 170 10.91 -25.52 1.06
C ALA A 170 10.21 -26.65 1.79
N THR A 171 10.35 -26.65 3.11
CA THR A 171 9.71 -27.65 3.95
C THR A 171 8.58 -26.96 4.67
N ILE A 172 7.36 -27.45 4.44
CA ILE A 172 6.16 -26.87 5.03
C ILE A 172 5.47 -27.86 5.96
N THR A 173 5.06 -27.38 7.13
CA THR A 173 4.37 -28.25 8.07
C THR A 173 2.89 -27.89 8.16
N ASP A 174 2.04 -28.83 7.76
CA ASP A 174 0.59 -28.63 7.85
C ASP A 174 0.36 -28.71 9.34
N LEU A 175 0.04 -27.58 9.95
CA LEU A 175 -0.18 -27.54 11.39
C LEU A 175 -1.39 -28.32 11.90
N ARG A 176 -2.30 -28.70 11.01
CA ARG A 176 -3.47 -29.47 11.43
C ARG A 176 -3.10 -30.94 11.57
N THR A 177 -2.37 -31.46 10.60
CA THR A 177 -1.98 -32.87 10.59
C THR A 177 -0.56 -33.15 11.05
N GLY A 178 0.22 -32.10 11.28
CA GLY A 178 1.60 -32.29 11.71
C GLY A 178 2.41 -32.93 10.61
N ALA A 179 1.79 -33.09 9.45
CA ALA A 179 2.47 -33.69 8.32
C ALA A 179 3.30 -32.61 7.63
N THR A 180 4.47 -32.99 7.12
CA THR A 180 5.34 -32.04 6.45
C THR A 180 5.33 -32.34 4.96
N ARG A 181 5.36 -31.29 4.15
CA ARG A 181 5.35 -31.45 2.70
C ARG A 181 6.51 -30.69 2.07
N ALA A 182 7.02 -31.21 0.96
CA ALA A 182 8.11 -30.58 0.25
C ALA A 182 7.53 -29.82 -0.94
N VAL A 183 7.89 -28.54 -1.06
CA VAL A 183 7.42 -27.72 -2.17
C VAL A 183 8.60 -27.17 -2.92
N HIS A 184 8.71 -27.53 -4.20
CA HIS A 184 9.81 -27.04 -5.02
C HIS A 184 9.27 -25.88 -5.85
N ALA A 185 9.78 -24.68 -5.60
CA ALA A 185 9.33 -23.50 -6.33
C ALA A 185 10.49 -22.86 -7.09
N ARG A 186 10.19 -22.24 -8.24
CA ARG A 186 11.23 -21.60 -9.01
C ARG A 186 11.72 -20.37 -8.25
N TYR A 187 10.82 -19.76 -7.49
CA TYR A 187 11.14 -18.58 -6.68
C TYR A 187 10.39 -18.62 -5.35
N LEU A 188 11.04 -18.14 -4.30
CA LEU A 188 10.42 -18.05 -2.99
C LEU A 188 10.40 -16.56 -2.67
N VAL A 189 9.21 -16.04 -2.40
CA VAL A 189 9.07 -14.63 -2.07
C VAL A 189 8.60 -14.49 -0.63
N ALA A 190 9.48 -14.00 0.23
CA ALA A 190 9.16 -13.84 1.63
C ALA A 190 8.42 -12.53 1.90
N CYS A 191 7.15 -12.67 2.28
CA CYS A 191 6.30 -11.55 2.63
C CYS A 191 5.95 -11.94 4.07
N ASP A 192 6.98 -12.34 4.82
CA ASP A 192 6.79 -12.77 6.19
C ASP A 192 6.93 -11.69 7.25
N GLY A 193 6.74 -10.44 6.85
CA GLY A 193 6.77 -9.35 7.81
C GLY A 193 8.05 -8.70 8.27
N ALA A 194 7.89 -7.71 9.13
CA ALA A 194 8.99 -6.93 9.68
C ALA A 194 10.11 -7.71 10.36
N SER A 195 9.76 -8.78 11.08
CA SER A 195 10.77 -9.57 11.78
C SER A 195 11.25 -10.70 10.89
N SER A 196 10.86 -10.62 9.62
CA SER A 196 11.21 -11.59 8.60
C SER A 196 12.31 -12.58 8.94
N PRO A 197 11.92 -13.83 9.28
CA PRO A 197 12.89 -14.88 9.61
C PRO A 197 13.66 -15.26 8.34
N THR A 198 13.03 -15.07 7.18
CA THR A 198 13.70 -15.38 5.92
C THR A 198 14.88 -14.44 5.70
N ARG A 199 14.66 -13.15 5.97
CA ARG A 199 15.71 -12.16 5.81
C ARG A 199 16.90 -12.56 6.68
N LYS A 200 16.61 -12.91 7.94
CA LYS A 200 17.65 -13.32 8.87
C LYS A 200 18.34 -14.58 8.37
N ALA A 201 17.55 -15.54 7.90
CA ALA A 201 18.09 -16.80 7.38
C ALA A 201 19.04 -16.55 6.22
N LEU A 202 18.72 -15.56 5.38
CA LEU A 202 19.55 -15.23 4.22
C LEU A 202 20.82 -14.48 4.62
N GLY A 203 20.87 -13.99 5.84
CA GLY A 203 22.03 -13.25 6.31
C GLY A 203 22.04 -11.83 5.78
N ILE A 204 20.85 -11.30 5.50
CA ILE A 204 20.74 -9.94 5.00
C ILE A 204 20.43 -9.05 6.19
N ASP A 205 21.23 -8.00 6.38
CA ASP A 205 21.00 -7.10 7.51
C ASP A 205 20.03 -5.97 7.15
N ALA A 206 19.37 -5.43 8.16
CA ALA A 206 18.42 -4.34 7.99
C ALA A 206 18.54 -3.50 9.25
N PRO A 207 19.62 -2.69 9.34
CA PRO A 207 19.87 -1.84 10.50
C PRO A 207 18.76 -0.83 10.79
N PRO A 208 18.48 -0.58 12.08
CA PRO A 208 17.43 0.39 12.44
C PRO A 208 17.74 1.77 11.86
N ARG A 209 16.71 2.43 11.34
CA ARG A 209 16.86 3.75 10.74
C ARG A 209 16.31 4.85 11.65
N HIS A 210 15.70 4.44 12.76
CA HIS A 210 15.11 5.37 13.72
C HIS A 210 14.93 4.60 15.02
N ARG A 211 14.82 5.30 16.14
CA ARG A 211 14.61 4.66 17.43
C ARG A 211 13.31 3.86 17.34
N THR A 212 13.21 2.78 18.09
CA THR A 212 12.00 1.96 18.07
C THR A 212 10.85 2.74 18.70
N GLN A 213 9.68 2.70 18.07
CA GLN A 213 8.52 3.41 18.58
C GLN A 213 7.54 2.38 19.12
N VAL A 214 7.13 2.53 20.38
CA VAL A 214 6.19 1.58 20.95
C VAL A 214 4.81 2.23 21.03
N PHE A 215 3.82 1.51 20.52
CA PHE A 215 2.45 1.98 20.50
C PHE A 215 1.52 1.03 21.24
N ARG A 216 0.64 1.58 22.06
CA ARG A 216 -0.33 0.78 22.78
C ARG A 216 -1.65 0.95 22.02
N ASN A 217 -2.19 -0.14 21.52
CA ASN A 217 -3.44 -0.08 20.75
C ASN A 217 -4.61 -0.66 21.52
N ILE A 218 -5.60 0.18 21.77
CA ILE A 218 -6.81 -0.23 22.47
C ILE A 218 -8.00 -0.24 21.50
N LEU A 219 -8.45 -1.43 21.14
CA LEU A 219 -9.57 -1.61 20.25
C LEU A 219 -10.80 -1.68 21.14
N PHE A 220 -11.80 -0.82 20.87
CA PHE A 220 -13.01 -0.85 21.68
C PHE A 220 -14.26 -0.65 20.83
N ARG A 221 -15.39 -1.04 21.41
CA ARG A 221 -16.69 -0.93 20.75
C ARG A 221 -17.56 0.03 21.56
N ALA A 222 -18.13 1.01 20.86
CA ALA A 222 -18.99 2.02 21.49
C ALA A 222 -20.17 2.14 20.53
N PRO A 223 -21.15 1.25 20.66
CA PRO A 223 -22.36 1.16 19.83
C PRO A 223 -23.11 2.44 19.51
N GLU A 224 -23.24 3.33 20.48
CA GLU A 224 -24.00 4.56 20.24
C GLU A 224 -23.19 5.83 20.03
N LEU A 225 -21.86 5.70 20.06
CA LEU A 225 -20.99 6.85 19.89
C LEU A 225 -21.21 7.60 18.58
N ARG A 226 -21.40 6.87 17.48
CA ARG A 226 -21.59 7.55 16.20
C ARG A 226 -22.87 8.36 16.21
N SER A 227 -23.91 7.81 16.82
CA SER A 227 -25.20 8.49 16.89
C SER A 227 -25.08 9.77 17.73
N LEU A 228 -24.34 9.70 18.83
CA LEU A 228 -24.15 10.86 19.70
C LEU A 228 -23.31 11.94 19.03
N LEU A 229 -22.40 11.53 18.16
CA LEU A 229 -21.53 12.46 17.44
C LEU A 229 -22.22 13.12 16.26
N GLY A 230 -23.02 12.36 15.52
CA GLY A 230 -23.71 12.91 14.37
C GLY A 230 -22.76 13.36 13.29
N GLU A 231 -22.95 14.58 12.79
CA GLU A 231 -22.07 15.10 11.76
C GLU A 231 -20.72 15.49 12.35
N ARG A 232 -20.63 15.49 13.68
CA ARG A 232 -19.37 15.81 14.35
C ARG A 232 -18.53 14.55 14.51
N ALA A 233 -18.98 13.46 13.90
CA ALA A 233 -18.25 12.22 13.93
C ALA A 233 -17.03 12.47 13.03
N ALA A 234 -16.07 11.55 13.05
CA ALA A 234 -14.89 11.72 12.21
C ALA A 234 -14.14 10.41 12.06
N LEU A 235 -13.27 10.34 11.06
CA LEU A 235 -12.48 9.14 10.81
C LEU A 235 -11.30 9.16 11.77
N PHE A 236 -10.67 10.32 11.87
CA PHE A 236 -9.50 10.53 12.71
C PHE A 236 -9.79 11.60 13.74
N PHE A 237 -9.54 11.28 15.00
CA PHE A 237 -9.71 12.22 16.10
C PHE A 237 -8.35 12.32 16.77
N PHE A 238 -7.84 13.53 16.96
CA PHE A 238 -6.58 13.64 17.67
C PHE A 238 -6.90 14.32 18.98
N LEU A 239 -6.76 13.57 20.06
CA LEU A 239 -7.06 14.09 21.37
C LEU A 239 -5.93 14.87 22.02
N MET A 240 -6.30 16.02 22.59
CA MET A 240 -5.36 16.88 23.27
C MET A 240 -5.89 17.01 24.70
N LEU A 241 -5.79 15.92 25.46
CA LEU A 241 -6.28 15.88 26.84
C LEU A 241 -5.38 16.64 27.81
N SER A 242 -4.07 16.55 27.60
CA SER A 242 -3.10 17.23 28.45
C SER A 242 -1.78 17.23 27.71
N SER A 243 -0.85 18.07 28.15
CA SER A 243 0.45 18.14 27.49
C SER A 243 1.16 16.79 27.53
N SER A 244 0.79 15.96 28.51
CA SER A 244 1.39 14.64 28.65
C SER A 244 0.51 13.56 28.03
N LEU A 245 -0.69 13.93 27.60
CA LEU A 245 -1.59 12.95 27.02
C LEU A 245 -2.23 13.39 25.70
N ARG A 246 -1.58 13.04 24.59
CA ARG A 246 -2.07 13.36 23.25
C ARG A 246 -1.99 12.06 22.45
N PHE A 247 -3.03 11.77 21.67
CA PHE A 247 -3.05 10.54 20.89
C PHE A 247 -4.22 10.50 19.93
N PRO A 248 -4.12 9.68 18.87
CA PRO A 248 -5.19 9.54 17.88
C PRO A 248 -6.19 8.48 18.32
N LEU A 249 -7.43 8.65 17.87
CA LEU A 249 -8.51 7.72 18.16
C LEU A 249 -9.22 7.66 16.81
N ARG A 250 -9.32 6.48 16.24
CA ARG A 250 -9.93 6.34 14.91
C ARG A 250 -11.18 5.48 14.83
N ALA A 251 -12.04 5.84 13.88
CA ALA A 251 -13.24 5.05 13.64
C ALA A 251 -12.66 3.94 12.77
N LEU A 252 -12.82 2.70 13.20
CA LEU A 252 -12.26 1.56 12.46
C LEU A 252 -13.17 1.02 11.37
N ASP A 253 -14.45 0.79 11.70
CA ASP A 253 -15.38 0.29 10.70
C ASP A 253 -16.56 1.23 10.47
N GLY A 254 -16.55 2.35 11.17
CA GLY A 254 -17.63 3.31 11.03
C GLY A 254 -18.96 2.76 11.51
N ARG A 255 -18.92 1.66 12.28
CA ARG A 255 -20.14 1.05 12.77
C ARG A 255 -20.12 0.63 14.25
N GLY A 256 -19.20 1.19 15.01
CA GLY A 256 -19.13 0.86 16.44
C GLY A 256 -17.73 0.54 16.95
N LEU A 257 -16.84 0.14 16.05
CA LEU A 257 -15.47 -0.20 16.44
C LEU A 257 -14.52 0.98 16.29
N TYR A 258 -13.77 1.25 17.36
CA TYR A 258 -12.81 2.34 17.39
C TYR A 258 -11.46 1.83 17.90
N ARG A 259 -10.40 2.53 17.54
CA ARG A 259 -9.06 2.13 17.96
C ARG A 259 -8.29 3.35 18.46
N LEU A 260 -7.94 3.30 19.74
CA LEU A 260 -7.18 4.36 20.38
C LEU A 260 -5.73 3.90 20.37
N THR A 261 -4.85 4.72 19.82
CA THR A 261 -3.44 4.38 19.75
C THR A 261 -2.61 5.44 20.47
N VAL A 262 -2.07 5.07 21.62
CA VAL A 262 -1.27 6.01 22.41
C VAL A 262 0.19 5.57 22.43
N GLY A 263 1.09 6.54 22.39
CA GLY A 263 2.49 6.20 22.42
C GLY A 263 2.97 5.94 23.83
N VAL A 264 3.78 4.90 23.98
CA VAL A 264 4.34 4.59 25.30
C VAL A 264 5.82 4.94 25.15
N ASP A 265 6.11 6.21 25.38
CA ASP A 265 7.46 6.75 25.26
C ASP A 265 8.08 7.08 26.62
N ASP A 266 9.10 7.93 26.58
CA ASP A 266 9.83 8.35 27.77
C ASP A 266 8.95 9.15 28.74
N ALA A 267 7.90 9.75 28.21
CA ALA A 267 6.98 10.54 29.02
C ALA A 267 6.02 9.62 29.78
N SER A 268 5.85 8.41 29.26
CA SER A 268 4.96 7.43 29.88
C SER A 268 5.50 7.01 31.24
N LYS A 269 4.79 7.38 32.30
CA LYS A 269 5.19 7.06 33.66
C LYS A 269 4.43 5.87 34.25
N SER A 270 3.14 5.78 33.96
CA SER A 270 2.32 4.68 34.45
C SER A 270 1.39 4.15 33.35
N THR A 271 0.88 2.94 33.54
CA THR A 271 -0.02 2.33 32.56
C THR A 271 -1.47 2.44 33.02
N MET A 272 -2.14 3.45 32.52
CA MET A 272 -3.54 3.70 32.86
C MET A 272 -4.42 2.54 32.43
N ASP A 273 -5.52 2.34 33.16
CA ASP A 273 -6.46 1.29 32.84
C ASP A 273 -6.99 1.56 31.43
N SER A 274 -7.16 0.52 30.63
CA SER A 274 -7.65 0.68 29.26
C SER A 274 -9.02 1.33 29.19
N PHE A 275 -9.95 0.86 30.01
CA PHE A 275 -11.30 1.42 30.02
C PHE A 275 -11.30 2.87 30.48
N GLU A 276 -10.45 3.19 31.46
CA GLU A 276 -10.39 4.55 31.96
C GLU A 276 -9.81 5.52 30.95
N LEU A 277 -8.89 5.03 30.13
CA LEU A 277 -8.26 5.87 29.12
C LEU A 277 -9.31 6.24 28.06
N VAL A 278 -10.06 5.24 27.60
CA VAL A 278 -11.08 5.48 26.59
C VAL A 278 -12.18 6.41 27.13
N ARG A 279 -12.59 6.19 28.37
CA ARG A 279 -13.62 7.03 28.99
C ARG A 279 -13.14 8.47 29.09
N ARG A 280 -11.84 8.62 29.36
CA ARG A 280 -11.23 9.92 29.49
C ARG A 280 -11.25 10.66 28.14
N ALA A 281 -11.11 9.90 27.06
CA ALA A 281 -11.09 10.47 25.71
C ALA A 281 -12.48 10.73 25.13
N VAL A 282 -13.52 10.17 25.75
CA VAL A 282 -14.88 10.35 25.26
C VAL A 282 -15.73 11.19 26.22
N ALA A 283 -16.23 12.31 25.73
CA ALA A 283 -17.05 13.23 26.53
C ALA A 283 -18.44 12.69 26.87
N PHE A 284 -18.93 11.74 26.09
CA PHE A 284 -20.26 11.16 26.33
C PHE A 284 -20.24 10.06 27.39
N ASP A 285 -21.36 9.92 28.10
CA ASP A 285 -21.52 8.88 29.10
C ASP A 285 -22.24 7.79 28.31
N THR A 286 -21.46 6.97 27.60
CA THR A 286 -22.03 5.93 26.75
C THR A 286 -21.31 4.58 26.89
N GLU A 287 -21.95 3.53 26.37
CA GLU A 287 -21.42 2.16 26.41
C GLU A 287 -20.06 2.00 25.73
N ILE A 288 -19.06 1.56 26.49
CA ILE A 288 -17.70 1.36 25.97
C ILE A 288 -17.14 0.01 26.39
N GLU A 289 -16.89 -0.87 25.43
CA GLU A 289 -16.34 -2.17 25.77
C GLU A 289 -15.00 -2.43 25.08
N VAL A 290 -13.95 -2.52 25.89
CA VAL A 290 -12.61 -2.78 25.36
C VAL A 290 -12.56 -4.22 24.88
N LEU A 291 -12.07 -4.40 23.66
CA LEU A 291 -11.98 -5.74 23.08
C LEU A 291 -10.55 -6.26 23.07
N SER A 292 -9.60 -5.35 22.98
CA SER A 292 -8.19 -5.72 22.96
C SER A 292 -7.29 -4.56 23.42
N ASP A 293 -6.19 -4.93 24.08
CA ASP A 293 -5.21 -3.96 24.59
C ASP A 293 -3.85 -4.62 24.34
N SER A 294 -3.15 -4.16 23.32
CA SER A 294 -1.83 -4.73 23.00
C SER A 294 -0.87 -3.66 22.48
N GLU A 295 0.40 -4.01 22.38
CA GLU A 295 1.42 -3.07 21.91
C GLU A 295 2.00 -3.45 20.56
N TRP A 296 2.56 -2.45 19.88
CA TRP A 296 3.20 -2.63 18.59
C TRP A 296 4.54 -1.92 18.68
N HIS A 297 5.61 -2.67 18.46
CA HIS A 297 6.95 -2.11 18.49
C HIS A 297 7.37 -1.88 17.05
N LEU A 298 7.39 -0.62 16.65
CA LEU A 298 7.74 -0.25 15.28
C LEU A 298 9.18 0.23 15.15
N THR A 299 9.95 -0.48 14.34
CA THR A 299 11.34 -0.09 14.10
C THR A 299 11.54 0.06 12.60
N HIS A 300 11.71 1.28 12.13
CA HIS A 300 11.92 1.52 10.71
C HIS A 300 13.22 0.82 10.32
N ARG A 301 13.14 -0.05 9.32
CA ARG A 301 14.28 -0.81 8.81
C ARG A 301 14.10 -1.02 7.32
N VAL A 302 15.21 -1.12 6.59
CA VAL A 302 15.17 -1.41 5.16
C VAL A 302 16.25 -2.45 4.92
N ALA A 303 15.91 -3.56 4.25
CA ALA A 303 16.88 -4.62 4.00
C ALA A 303 18.03 -4.11 3.14
N ASP A 304 19.25 -4.50 3.46
CA ASP A 304 20.42 -4.08 2.68
C ASP A 304 20.30 -4.59 1.27
N SER A 305 19.62 -5.72 1.12
CA SER A 305 19.40 -6.32 -0.19
C SER A 305 17.98 -6.86 -0.20
N PHE A 306 17.34 -6.87 -1.37
CA PHE A 306 15.96 -7.37 -1.47
C PHE A 306 15.86 -8.79 -2.03
N SER A 307 17.01 -9.43 -2.23
CA SER A 307 17.01 -10.79 -2.73
C SER A 307 18.37 -11.44 -2.55
N ALA A 308 18.38 -12.77 -2.62
CA ALA A 308 19.58 -13.58 -2.52
C ALA A 308 19.23 -14.83 -3.32
N GLY A 309 19.86 -14.97 -4.49
CA GLY A 309 19.57 -16.12 -5.32
C GLY A 309 18.14 -16.05 -5.81
N ARG A 310 17.37 -17.12 -5.60
CA ARG A 310 15.98 -17.15 -6.04
C ARG A 310 15.00 -16.83 -4.90
N VAL A 311 15.51 -16.21 -3.83
CA VAL A 311 14.67 -15.87 -2.68
C VAL A 311 14.56 -14.34 -2.59
N PHE A 312 13.32 -13.84 -2.63
CA PHE A 312 13.08 -12.40 -2.58
C PHE A 312 12.34 -11.96 -1.32
N LEU A 313 12.52 -10.69 -0.97
CA LEU A 313 11.85 -10.10 0.20
C LEU A 313 10.92 -9.03 -0.33
N THR A 314 9.69 -9.00 0.20
CA THR A 314 8.74 -7.99 -0.23
C THR A 314 7.84 -7.60 0.95
N GLY A 315 7.37 -6.36 0.97
CA GLY A 315 6.54 -5.92 2.07
C GLY A 315 7.45 -5.51 3.21
N ASP A 316 6.94 -5.57 4.43
CA ASP A 316 7.74 -5.19 5.58
C ASP A 316 9.03 -5.98 5.70
N ALA A 317 9.08 -7.18 5.15
CA ALA A 317 10.31 -7.99 5.20
C ALA A 317 11.45 -7.25 4.50
N ALA A 318 11.10 -6.44 3.49
CA ALA A 318 12.08 -5.67 2.73
C ALA A 318 12.20 -4.25 3.28
N HIS A 319 11.06 -3.67 3.64
CA HIS A 319 11.04 -2.31 4.16
C HIS A 319 9.91 -2.05 5.15
N THR A 320 10.30 -1.86 6.42
CA THR A 320 9.33 -1.58 7.47
C THR A 320 9.39 -0.07 7.56
N LEU A 321 8.31 0.57 7.12
CA LEU A 321 8.24 2.00 7.04
C LEU A 321 7.17 2.66 7.90
N SER A 322 7.02 3.97 7.70
CA SER A 322 6.05 4.76 8.44
C SER A 322 4.62 4.35 8.10
N PRO A 323 3.78 4.12 9.11
CA PRO A 323 2.38 3.75 8.89
C PRO A 323 1.52 4.99 8.64
N SER A 324 2.15 6.15 8.70
CA SER A 324 1.47 7.42 8.48
C SER A 324 0.80 7.47 7.11
N GLY A 325 -0.51 7.68 7.09
CA GLY A 325 -1.24 7.74 5.85
C GLY A 325 -1.23 6.40 5.15
N GLY A 326 -0.92 5.34 5.89
CA GLY A 326 -0.87 4.00 5.34
C GLY A 326 0.29 3.82 4.38
N PHE A 327 1.25 4.75 4.43
CA PHE A 327 2.42 4.71 3.54
C PHE A 327 3.13 3.36 3.47
N GLY A 328 3.39 2.78 4.63
CA GLY A 328 4.06 1.48 4.66
C GLY A 328 3.32 0.39 3.91
N MET A 329 2.02 0.25 4.16
CA MET A 329 1.29 -0.79 3.45
C MET A 329 1.17 -0.50 1.96
N ASN A 330 0.91 0.76 1.60
CA ASN A 330 0.78 1.14 0.19
C ASN A 330 2.10 0.85 -0.53
N THR A 331 3.21 1.15 0.14
CA THR A 331 4.52 0.90 -0.47
C THR A 331 4.73 -0.60 -0.63
N GLY A 332 4.24 -1.37 0.33
CA GLY A 332 4.39 -2.81 0.24
C GLY A 332 3.59 -3.39 -0.93
N ILE A 333 2.37 -2.89 -1.09
CA ILE A 333 1.51 -3.36 -2.18
C ILE A 333 2.12 -2.96 -3.53
N GLY A 334 2.68 -1.76 -3.61
CA GLY A 334 3.31 -1.30 -4.83
C GLY A 334 4.56 -2.11 -5.14
N SER A 335 5.28 -2.55 -4.11
CA SER A 335 6.49 -3.36 -4.34
C SER A 335 6.09 -4.76 -4.79
N ALA A 336 4.96 -5.25 -4.30
CA ALA A 336 4.47 -6.56 -4.68
C ALA A 336 4.11 -6.52 -6.17
N ALA A 337 3.49 -5.43 -6.60
CA ALA A 337 3.12 -5.29 -8.00
C ALA A 337 4.37 -5.17 -8.87
N ASP A 338 5.42 -4.55 -8.34
CA ASP A 338 6.63 -4.39 -9.13
C ASP A 338 7.33 -5.74 -9.33
N LEU A 339 7.46 -6.50 -8.25
CA LEU A 339 8.12 -7.80 -8.33
C LEU A 339 7.29 -8.76 -9.17
N GLY A 340 5.98 -8.67 -9.03
CA GLY A 340 5.07 -9.54 -9.77
C GLY A 340 5.30 -9.56 -11.27
N TRP A 341 5.41 -8.39 -11.92
CA TRP A 341 5.61 -8.40 -13.36
C TRP A 341 7.02 -8.82 -13.77
N LYS A 342 8.00 -8.53 -12.93
CA LYS A 342 9.38 -8.91 -13.22
C LYS A 342 9.57 -10.43 -13.09
N LEU A 343 8.86 -11.04 -12.14
CA LEU A 343 8.92 -12.48 -11.95
C LEU A 343 8.23 -13.17 -13.13
N ALA A 344 7.04 -12.67 -13.49
CA ALA A 344 6.30 -13.25 -14.61
C ALA A 344 7.09 -13.14 -15.90
N ALA A 345 7.75 -12.01 -16.13
CA ALA A 345 8.53 -11.80 -17.34
C ALA A 345 9.71 -12.78 -17.40
N THR A 346 10.31 -13.07 -16.26
CA THR A 346 11.45 -13.97 -16.22
C THR A 346 10.95 -15.41 -16.41
N LEU A 347 9.86 -15.74 -15.75
CA LEU A 347 9.27 -17.06 -15.88
C LEU A 347 8.86 -17.35 -17.32
N ARG A 348 8.29 -16.35 -17.99
CA ARG A 348 7.87 -16.55 -19.38
C ARG A 348 9.06 -16.56 -20.34
N GLY A 349 10.21 -16.12 -19.86
CA GLY A 349 11.41 -16.14 -20.69
C GLY A 349 11.79 -14.90 -21.50
N TRP A 350 10.94 -13.88 -21.54
CA TRP A 350 11.27 -12.69 -22.32
C TRP A 350 12.05 -11.62 -21.58
N ALA A 351 12.17 -11.76 -20.26
CA ALA A 351 12.92 -10.80 -19.47
C ALA A 351 14.42 -10.99 -19.67
N GLY A 352 15.18 -9.92 -19.53
CA GLY A 352 16.62 -10.04 -19.63
C GLY A 352 17.08 -10.64 -18.33
N PRO A 353 18.31 -11.18 -18.25
CA PRO A 353 18.78 -11.77 -16.99
C PRO A 353 18.86 -10.76 -15.86
N GLY A 354 18.96 -9.49 -16.20
CA GLY A 354 19.05 -8.46 -15.17
C GLY A 354 17.73 -7.83 -14.73
N LEU A 355 16.61 -8.26 -15.28
CA LEU A 355 15.34 -7.65 -14.89
C LEU A 355 15.00 -7.81 -13.41
N LEU A 356 15.13 -9.02 -12.87
CA LEU A 356 14.79 -9.23 -11.46
C LEU A 356 15.60 -8.36 -10.51
N ALA A 357 16.84 -8.06 -10.88
CA ALA A 357 17.68 -7.23 -10.04
C ALA A 357 17.14 -5.80 -9.95
N THR A 358 16.35 -5.38 -10.94
CA THR A 358 15.79 -4.03 -10.93
C THR A 358 14.68 -3.84 -9.90
N TYR A 359 14.20 -4.94 -9.34
CA TYR A 359 13.17 -4.84 -8.30
C TYR A 359 13.82 -4.05 -7.17
N GLU A 360 14.99 -4.47 -6.73
CA GLU A 360 15.67 -3.75 -5.67
C GLU A 360 16.09 -2.36 -6.15
N GLU A 361 16.63 -2.28 -7.36
CA GLU A 361 17.08 -0.99 -7.92
C GLU A 361 16.00 0.09 -7.89
N GLU A 362 14.78 -0.29 -8.25
CA GLU A 362 13.68 0.67 -8.29
C GLU A 362 12.88 0.82 -6.99
N ARG A 363 12.68 -0.26 -6.26
CA ARG A 363 11.91 -0.15 -5.03
C ARG A 363 12.70 0.21 -3.77
N ARG A 364 13.96 -0.21 -3.67
CA ARG A 364 14.70 0.12 -2.45
C ARG A 364 14.80 1.65 -2.27
N PRO A 365 15.03 2.41 -3.35
CA PRO A 365 15.13 3.88 -3.18
C PRO A 365 13.82 4.47 -2.65
N VAL A 366 12.68 3.90 -3.03
CA VAL A 366 11.39 4.41 -2.54
C VAL A 366 11.37 4.33 -1.03
N ALA A 367 11.80 3.19 -0.49
CA ALA A 367 11.83 2.99 0.96
C ALA A 367 12.84 3.93 1.61
N ILE A 368 14.07 3.93 1.11
CA ILE A 368 15.14 4.76 1.65
C ILE A 368 14.76 6.23 1.72
N THR A 369 14.33 6.78 0.59
CA THR A 369 13.95 8.18 0.52
C THR A 369 12.85 8.54 1.52
N SER A 370 11.90 7.64 1.71
CA SER A 370 10.79 7.89 2.64
C SER A 370 11.25 8.04 4.07
N LEU A 371 12.28 7.29 4.46
CA LEU A 371 12.78 7.35 5.82
C LEU A 371 13.49 8.66 6.11
N GLU A 372 14.26 9.14 5.13
CA GLU A 372 14.96 10.40 5.28
C GLU A 372 13.88 11.45 5.52
N GLU A 373 12.65 11.08 5.18
CA GLU A 373 11.47 11.94 5.33
C GLU A 373 11.43 13.04 4.27
N ARG A 384 5.73 22.92 22.28
CA ARG A 384 4.80 21.90 21.79
C ARG A 384 3.73 21.59 22.83
N GLU A 385 3.82 22.26 23.98
CA GLU A 385 2.87 22.07 25.06
C GLU A 385 1.49 22.64 24.72
N LEU A 386 0.52 22.41 25.60
CA LEU A 386 -0.83 22.90 25.40
C LEU A 386 -1.12 24.12 26.25
N PRO A 387 -1.62 25.21 25.63
CA PRO A 387 -1.94 26.45 26.33
C PRO A 387 -2.98 26.24 27.44
N PRO A 388 -2.89 27.05 28.51
CA PRO A 388 -3.83 26.93 29.63
C PRO A 388 -5.23 27.36 29.19
N GLY A 389 -6.25 26.71 29.74
CA GLY A 389 -7.62 27.06 29.40
C GLY A 389 -8.10 26.52 28.06
N LEU A 390 -7.34 25.61 27.47
CA LEU A 390 -7.69 25.02 26.19
C LEU A 390 -9.03 24.30 26.27
N HIS A 391 -9.34 23.74 27.43
CA HIS A 391 -10.60 23.00 27.61
C HIS A 391 -11.68 23.86 28.26
N ASP A 392 -11.43 25.16 28.38
CA ASP A 392 -12.37 26.08 28.99
C ASP A 392 -13.63 26.29 28.16
N ASP A 393 -14.76 26.40 28.86
CA ASP A 393 -16.07 26.59 28.22
C ASP A 393 -16.28 28.02 27.74
N GLY A 394 -15.83 28.99 28.53
CA GLY A 394 -16.00 30.39 28.17
C GLY A 394 -15.52 30.80 26.79
N PRO A 395 -15.80 32.07 26.39
CA PRO A 395 -15.37 32.59 25.09
C PRO A 395 -13.86 32.74 25.03
N ARG A 396 -13.21 32.68 26.19
CA ARG A 396 -11.76 32.81 26.26
C ARG A 396 -11.12 31.52 25.77
N GLY A 397 -11.66 30.39 26.23
CA GLY A 397 -11.13 29.10 25.82
C GLY A 397 -11.36 28.87 24.33
N GLU A 398 -12.48 29.41 23.83
CA GLU A 398 -12.81 29.27 22.42
C GLU A 398 -11.74 29.99 21.60
N ARG A 399 -11.32 31.15 22.09
CA ARG A 399 -10.30 31.95 21.43
C ARG A 399 -8.93 31.28 21.52
N ILE A 400 -8.70 30.56 22.61
CA ILE A 400 -7.43 29.87 22.81
C ILE A 400 -7.34 28.73 21.81
N ARG A 401 -8.42 27.96 21.69
CA ARG A 401 -8.47 26.84 20.76
C ARG A 401 -8.26 27.34 19.34
N ALA A 402 -8.89 28.46 19.01
CA ALA A 402 -8.77 29.05 17.68
C ALA A 402 -7.30 29.28 17.34
N ALA A 403 -6.55 29.83 18.30
CA ALA A 403 -5.14 30.11 18.11
C ALA A 403 -4.36 28.84 17.78
N VAL A 404 -4.65 27.76 18.50
CA VAL A 404 -3.98 26.49 18.27
C VAL A 404 -4.31 25.99 16.87
N ALA A 405 -5.54 26.25 16.43
CA ALA A 405 -5.99 25.85 15.11
C ALA A 405 -5.10 26.48 14.04
N GLU A 406 -4.75 27.75 14.25
CA GLU A 406 -3.89 28.47 13.30
C GLU A 406 -2.52 27.80 13.20
N LYS A 407 -1.90 27.56 14.34
CA LYS A 407 -0.59 26.91 14.36
C LYS A 407 -0.65 25.58 13.62
N LEU A 408 -1.70 24.80 13.89
CA LEU A 408 -1.88 23.50 13.26
C LEU A 408 -1.96 23.62 11.74
N GLU A 409 -2.77 24.56 11.26
CA GLU A 409 -2.93 24.75 9.82
C GLU A 409 -1.65 25.23 9.15
N ARG A 410 -1.02 26.25 9.72
CA ARG A 410 0.22 26.79 9.16
C ARG A 410 1.32 25.75 9.15
N SER A 411 1.26 24.80 10.07
CA SER A 411 2.28 23.76 10.14
C SER A 411 2.03 22.73 9.03
N GLY A 412 1.12 23.08 8.11
CA GLY A 412 0.79 22.20 7.00
C GLY A 412 0.16 20.90 7.44
N ALA A 413 -0.52 20.91 8.57
CA ALA A 413 -1.17 19.72 9.09
C ALA A 413 -2.28 19.22 8.16
N ARG A 414 -2.85 20.14 7.38
CA ARG A 414 -3.93 19.78 6.46
C ARG A 414 -3.39 19.17 5.16
N ARG A 415 -2.10 19.36 4.89
CA ARG A 415 -1.50 18.79 3.69
C ARG A 415 -1.31 17.28 3.82
N GLU A 416 -1.39 16.78 5.04
CA GLU A 416 -1.24 15.35 5.31
C GLU A 416 -2.53 14.59 4.97
N PHE A 417 -3.48 15.30 4.39
CA PHE A 417 -4.77 14.71 4.01
C PHE A 417 -5.16 15.15 2.60
N ASP A 418 -4.18 15.64 1.86
CA ASP A 418 -4.39 16.10 0.49
C ASP A 418 -3.03 16.22 -0.19
N ALA A 419 -2.34 15.08 -0.30
CA ALA A 419 -1.03 15.04 -0.91
C ALA A 419 -0.94 13.90 -1.93
N PRO A 420 -1.52 14.10 -3.12
CA PRO A 420 -1.50 13.07 -4.17
C PRO A 420 -0.09 12.69 -4.59
N GLY A 421 0.85 13.60 -4.39
CA GLY A 421 2.23 13.33 -4.76
C GLY A 421 2.79 12.14 -4.00
N ILE A 422 2.43 12.02 -2.73
CA ILE A 422 2.91 10.91 -1.93
C ILE A 422 2.37 9.59 -2.48
N HIS A 423 1.15 9.60 -2.98
CA HIS A 423 0.54 8.40 -3.53
C HIS A 423 0.88 8.10 -4.98
N PHE A 424 1.01 9.15 -5.80
CA PHE A 424 1.24 8.96 -7.23
C PHE A 424 2.57 9.45 -7.80
N GLY A 425 3.28 10.27 -7.04
CA GLY A 425 4.50 10.86 -7.55
C GLY A 425 5.84 10.16 -7.70
N HIS A 426 6.04 8.96 -7.16
CA HIS A 426 7.38 8.39 -7.34
C HIS A 426 7.73 8.10 -8.79
N THR A 427 8.93 8.52 -9.17
CA THR A 427 9.42 8.36 -10.52
C THR A 427 10.70 7.53 -10.52
N TYR A 428 10.69 6.42 -11.24
CA TYR A 428 11.87 5.55 -11.32
C TYR A 428 12.92 6.14 -12.26
N ARG A 429 14.17 6.17 -11.78
CA ARG A 429 15.31 6.63 -12.57
C ARG A 429 16.22 5.43 -12.45
N SER A 430 16.03 4.47 -13.35
CA SER A 430 16.77 3.24 -13.29
C SER A 430 17.35 2.82 -14.63
N SER A 431 18.01 1.65 -14.60
CA SER A 431 18.64 1.07 -15.77
C SER A 431 17.67 0.63 -16.86
N ILE A 432 16.40 0.43 -16.51
CA ILE A 432 15.43 0.00 -17.51
C ILE A 432 14.45 1.09 -17.94
N VAL A 433 14.75 2.33 -17.53
CA VAL A 433 13.91 3.47 -17.89
C VAL A 433 14.75 4.41 -18.75
N CYS A 434 14.24 4.78 -19.91
CA CYS A 434 14.97 5.66 -20.80
C CYS A 434 14.69 7.12 -20.44
N GLY A 435 15.56 7.71 -19.63
CA GLY A 435 15.39 9.09 -19.22
C GLY A 435 15.42 10.08 -20.36
N GLU A 436 14.83 11.25 -20.15
CA GLU A 436 14.79 12.29 -21.18
C GLU A 436 15.50 13.57 -20.75
N TRP A 446 2.50 18.76 -6.91
CA TRP A 446 2.54 17.61 -7.81
C TRP A 446 1.43 17.66 -8.84
N ARG A 447 1.78 17.29 -10.07
CA ARG A 447 0.82 17.22 -11.16
C ARG A 447 1.09 15.97 -11.96
N PRO A 448 0.02 15.28 -12.43
CA PRO A 448 0.20 14.07 -13.22
C PRO A 448 1.18 14.33 -14.36
N SER A 449 2.05 13.36 -14.63
CA SER A 449 3.03 13.49 -15.71
C SER A 449 3.37 12.13 -16.31
N ALA A 450 3.62 12.12 -17.61
CA ALA A 450 3.98 10.89 -18.30
C ALA A 450 5.50 10.83 -18.53
N ARG A 451 6.26 11.54 -17.71
CA ARG A 451 7.72 11.55 -17.85
C ARG A 451 8.22 10.14 -17.59
N PRO A 452 9.32 9.73 -18.25
CA PRO A 452 9.82 8.37 -18.03
C PRO A 452 10.06 8.06 -16.55
N GLY A 453 9.57 6.89 -16.14
CA GLY A 453 9.72 6.45 -14.76
C GLY A 453 8.50 6.72 -13.91
N ALA A 454 7.67 7.66 -14.34
CA ALA A 454 6.47 8.01 -13.60
C ALA A 454 5.27 7.13 -13.94
N ARG A 455 4.27 7.13 -13.08
CA ARG A 455 3.05 6.39 -13.29
C ARG A 455 2.31 7.10 -14.42
N ALA A 456 1.99 6.37 -15.49
CA ALA A 456 1.27 6.98 -16.62
C ALA A 456 -0.04 7.58 -16.08
N PRO A 457 -0.32 8.84 -16.43
CA PRO A 457 -1.54 9.48 -15.94
C PRO A 457 -2.91 8.94 -16.33
N HIS A 458 -3.86 9.11 -15.40
CA HIS A 458 -5.23 8.70 -15.58
C HIS A 458 -6.01 9.71 -16.40
N ALA A 459 -6.89 9.19 -17.24
CA ALA A 459 -7.78 10.00 -18.08
C ALA A 459 -8.89 9.02 -18.47
N TRP A 460 -10.12 9.49 -18.50
CA TRP A 460 -11.22 8.61 -18.86
C TRP A 460 -11.36 8.48 -20.37
N LEU A 461 -11.44 7.25 -20.84
CA LEU A 461 -11.61 6.95 -22.25
C LEU A 461 -13.12 6.85 -22.46
N THR A 462 -13.77 6.23 -21.47
CA THR A 462 -15.22 6.09 -21.47
C THR A 462 -15.62 6.37 -20.01
N PRO A 463 -16.93 6.36 -19.72
CA PRO A 463 -17.34 6.60 -18.33
C PRO A 463 -16.91 5.50 -17.37
N THR A 464 -16.50 4.36 -17.91
CA THR A 464 -16.10 3.24 -17.08
C THR A 464 -14.68 2.79 -17.33
N THR A 465 -14.02 3.35 -18.33
CA THR A 465 -12.67 2.91 -18.64
C THR A 465 -11.63 4.03 -18.67
N SER A 466 -10.62 3.84 -17.83
CA SER A 466 -9.52 4.78 -17.70
C SER A 466 -8.30 4.32 -18.48
N THR A 467 -7.38 5.24 -18.74
CA THR A 467 -6.14 4.91 -19.43
C THR A 467 -5.44 3.83 -18.59
N LEU A 468 -5.64 3.88 -17.28
CA LEU A 468 -5.02 2.91 -16.38
C LEU A 468 -5.50 1.49 -16.65
N ASP A 469 -6.73 1.37 -17.17
CA ASP A 469 -7.30 0.06 -17.46
C ASP A 469 -6.63 -0.61 -18.65
N LEU A 470 -5.79 0.13 -19.35
CA LEU A 470 -5.08 -0.42 -20.50
C LEU A 470 -3.77 -1.04 -20.03
N PHE A 471 -3.33 -0.67 -18.83
CA PHE A 471 -2.06 -1.18 -18.30
C PHE A 471 -2.18 -2.36 -17.35
N GLY A 472 -1.06 -3.02 -17.05
CA GLY A 472 -1.11 -4.14 -16.13
C GLY A 472 -0.84 -5.51 -16.72
N ARG A 473 -0.87 -5.59 -18.04
CA ARG A 473 -0.59 -6.86 -18.74
C ARG A 473 0.85 -6.78 -19.21
N GLY A 474 1.02 -6.51 -20.50
CA GLY A 474 2.35 -6.39 -21.06
C GLY A 474 2.64 -4.92 -21.28
N PHE A 475 3.56 -4.61 -22.18
CA PHE A 475 3.89 -3.22 -22.48
C PHE A 475 2.75 -2.65 -23.32
N VAL A 476 2.60 -1.33 -23.28
CA VAL A 476 1.56 -0.68 -24.07
C VAL A 476 2.16 0.55 -24.74
N LEU A 477 1.98 0.65 -26.05
CA LEU A 477 2.47 1.82 -26.78
C LEU A 477 1.26 2.69 -27.11
N LEU A 478 1.20 3.86 -26.51
CA LEU A 478 0.12 4.81 -26.75
C LEU A 478 0.62 5.81 -27.79
N SER A 479 -0.10 5.93 -28.90
CA SER A 479 0.28 6.87 -29.94
C SER A 479 -0.87 7.86 -30.15
N PHE A 480 -0.54 9.14 -30.10
CA PHE A 480 -1.52 10.21 -30.26
C PHE A 480 -1.37 10.79 -31.66
N GLY A 481 -2.39 10.61 -32.49
CA GLY A 481 -2.33 11.12 -33.84
C GLY A 481 -1.67 10.13 -34.79
N THR A 482 -0.48 10.46 -35.26
CA THR A 482 0.26 9.60 -36.20
C THR A 482 0.64 8.23 -35.63
N THR A 483 0.68 7.23 -36.51
CA THR A 483 1.05 5.87 -36.13
C THR A 483 2.24 5.42 -36.97
N ASP A 484 2.90 6.38 -37.60
CA ASP A 484 4.06 6.09 -38.44
C ASP A 484 5.20 5.54 -37.59
N GLY A 485 5.69 4.35 -37.96
CA GLY A 485 6.78 3.75 -37.22
C GLY A 485 6.32 2.70 -36.21
N VAL A 486 5.03 2.72 -35.87
CA VAL A 486 4.48 1.79 -34.90
C VAL A 486 4.63 0.33 -35.32
N GLU A 487 4.48 0.03 -36.61
CA GLU A 487 4.62 -1.34 -37.06
C GLU A 487 6.04 -1.82 -36.77
N ALA A 488 7.00 -0.92 -36.90
CA ALA A 488 8.39 -1.23 -36.63
C ALA A 488 8.60 -1.60 -35.16
N VAL A 489 7.96 -0.85 -34.26
CA VAL A 489 8.09 -1.14 -32.84
C VAL A 489 7.48 -2.51 -32.54
N THR A 490 6.34 -2.79 -33.17
CA THR A 490 5.65 -4.06 -32.98
C THR A 490 6.57 -5.23 -33.32
N ARG A 491 7.26 -5.15 -34.45
CA ARG A 491 8.15 -6.24 -34.84
C ARG A 491 9.35 -6.36 -33.91
N ALA A 492 9.89 -5.23 -33.48
CA ALA A 492 11.03 -5.25 -32.57
C ALA A 492 10.68 -5.98 -31.28
N PHE A 493 9.47 -5.75 -30.77
CA PHE A 493 9.05 -6.43 -29.54
C PHE A 493 8.83 -7.92 -29.77
N ALA A 494 8.25 -8.28 -30.91
CA ALA A 494 7.99 -9.68 -31.24
C ALA A 494 9.29 -10.47 -31.41
N ASP A 495 10.32 -9.83 -31.96
CA ASP A 495 11.60 -10.50 -32.16
C ASP A 495 12.18 -10.94 -30.84
N ARG A 496 11.81 -10.26 -29.76
CA ARG A 496 12.28 -10.60 -28.42
C ARG A 496 11.17 -11.26 -27.63
N HIS A 497 10.05 -11.52 -28.30
CA HIS A 497 8.90 -12.17 -27.67
C HIS A 497 8.38 -11.40 -26.46
N VAL A 498 8.56 -10.09 -26.47
CA VAL A 498 8.10 -9.23 -25.39
C VAL A 498 6.67 -8.77 -25.70
N PRO A 499 5.71 -9.07 -24.81
CA PRO A 499 4.31 -8.67 -25.04
C PRO A 499 4.10 -7.17 -25.16
N LEU A 500 3.41 -6.78 -26.22
CA LEU A 500 3.13 -5.38 -26.49
C LEU A 500 1.75 -5.23 -27.13
N GLU A 501 1.05 -4.18 -26.73
CA GLU A 501 -0.26 -3.86 -27.31
C GLU A 501 -0.11 -2.41 -27.74
N THR A 502 -0.65 -2.07 -28.89
CA THR A 502 -0.56 -0.71 -29.39
C THR A 502 -1.94 -0.09 -29.43
N VAL A 503 -2.04 1.12 -28.89
CA VAL A 503 -3.31 1.80 -28.85
C VAL A 503 -3.18 3.20 -29.42
N THR A 504 -4.09 3.53 -30.32
CA THR A 504 -4.12 4.83 -30.98
C THR A 504 -5.18 5.67 -30.29
N CYS A 505 -4.76 6.79 -29.71
CA CYS A 505 -5.66 7.68 -28.99
C CYS A 505 -5.85 9.01 -29.72
N HIS A 506 -7.11 9.36 -29.97
CA HIS A 506 -7.43 10.57 -30.70
C HIS A 506 -7.89 11.75 -29.83
N ALA A 507 -7.95 11.53 -28.52
CA ALA A 507 -8.36 12.58 -27.60
C ALA A 507 -7.24 13.60 -27.46
N PRO A 508 -7.49 14.85 -27.89
CA PRO A 508 -6.45 15.87 -27.79
C PRO A 508 -6.10 16.21 -26.34
N GLU A 509 -7.07 16.09 -25.44
CA GLU A 509 -6.84 16.37 -24.03
C GLU A 509 -5.85 15.38 -23.42
N ILE A 510 -5.99 14.11 -23.79
CA ILE A 510 -5.09 13.09 -23.27
C ILE A 510 -3.70 13.29 -23.87
N HIS A 511 -3.66 13.67 -25.13
CA HIS A 511 -2.38 13.91 -25.81
C HIS A 511 -1.67 15.03 -25.04
N ALA A 512 -2.42 16.08 -24.72
CA ALA A 512 -1.90 17.21 -23.99
C ALA A 512 -1.37 16.75 -22.64
N LEU A 513 -2.11 15.84 -22.01
CA LEU A 513 -1.73 15.32 -20.71
C LEU A 513 -0.42 14.53 -20.79
N TYR A 514 -0.28 13.70 -21.83
CA TYR A 514 0.92 12.89 -22.00
C TYR A 514 2.09 13.64 -22.62
N GLU A 515 1.78 14.75 -23.28
CA GLU A 515 2.79 15.63 -23.89
C GLU A 515 3.56 15.17 -25.13
N ARG A 516 3.62 13.88 -25.40
CA ARG A 516 4.36 13.42 -26.58
C ARG A 516 3.45 12.58 -27.48
N ALA A 517 3.87 12.42 -28.74
CA ALA A 517 3.11 11.65 -29.72
C ALA A 517 3.10 10.15 -29.43
N HIS A 518 4.17 9.65 -28.82
CA HIS A 518 4.29 8.23 -28.49
C HIS A 518 4.73 8.04 -27.04
N VAL A 519 4.05 7.14 -26.33
CA VAL A 519 4.38 6.85 -24.94
C VAL A 519 4.38 5.34 -24.70
N LEU A 520 5.54 4.81 -24.32
CA LEU A 520 5.69 3.39 -24.04
C LEU A 520 5.51 3.13 -22.55
N VAL A 521 4.45 2.40 -22.19
CA VAL A 521 4.17 2.12 -20.80
C VAL A 521 4.52 0.69 -20.44
N ARG A 522 5.14 0.52 -19.27
CA ARG A 522 5.56 -0.78 -18.76
C ARG A 522 4.40 -1.60 -18.20
N PRO A 523 4.63 -2.90 -17.96
CA PRO A 523 3.60 -3.79 -17.41
C PRO A 523 3.06 -3.30 -16.05
N ASP A 524 3.81 -2.43 -15.36
CA ASP A 524 3.38 -1.94 -14.05
C ASP A 524 2.66 -0.60 -14.13
N GLY A 525 2.49 -0.07 -15.34
CA GLY A 525 1.80 1.20 -15.50
C GLY A 525 2.72 2.42 -15.49
N HIS A 526 4.01 2.20 -15.31
CA HIS A 526 4.96 3.32 -15.33
C HIS A 526 5.53 3.49 -16.74
N VAL A 527 5.86 4.73 -17.10
CA VAL A 527 6.40 5.05 -18.41
C VAL A 527 7.86 4.63 -18.52
N ALA A 528 8.20 3.95 -19.61
CA ALA A 528 9.59 3.53 -19.82
C ALA A 528 10.27 4.46 -20.82
N TRP A 529 9.48 5.04 -21.72
CA TRP A 529 10.01 5.92 -22.76
C TRP A 529 8.89 6.73 -23.42
N ARG A 530 9.24 7.91 -23.93
CA ARG A 530 8.27 8.74 -24.64
C ARG A 530 9.01 9.68 -25.57
N GLY A 531 8.28 10.20 -26.54
CA GLY A 531 8.88 11.12 -27.50
C GLY A 531 7.96 11.33 -28.68
N ASP A 532 8.21 12.38 -29.46
CA ASP A 532 7.38 12.65 -30.62
C ASP A 532 7.83 11.79 -31.79
N HIS A 533 9.00 11.17 -31.66
CA HIS A 533 9.53 10.32 -32.72
C HIS A 533 10.12 9.04 -32.15
N LEU A 534 9.72 7.89 -32.70
CA LEU A 534 10.24 6.61 -32.25
C LEU A 534 11.74 6.58 -32.50
N PRO A 535 12.52 6.00 -31.57
CA PRO A 535 13.97 5.91 -31.72
C PRO A 535 14.40 5.10 -32.94
N ALA A 536 15.58 5.41 -33.47
CA ALA A 536 16.11 4.73 -34.64
C ALA A 536 16.41 3.26 -34.36
N GLU A 537 17.04 2.99 -33.22
CA GLU A 537 17.37 1.61 -32.87
C GLU A 537 16.38 1.05 -31.86
N LEU A 538 15.36 0.37 -32.37
CA LEU A 538 14.33 -0.22 -31.54
C LEU A 538 14.84 -1.45 -30.79
N GLY A 539 15.81 -2.14 -31.37
CA GLY A 539 16.36 -3.31 -30.71
C GLY A 539 16.93 -2.93 -29.37
N GLY A 540 17.65 -1.81 -29.36
CA GLY A 540 18.25 -1.33 -28.13
C GLY A 540 17.21 -0.96 -27.10
N LEU A 541 16.13 -0.32 -27.55
CA LEU A 541 15.05 0.09 -26.67
C LEU A 541 14.40 -1.14 -26.04
N VAL A 542 14.03 -2.12 -26.85
CA VAL A 542 13.40 -3.33 -26.35
C VAL A 542 14.28 -4.04 -25.34
N ASP A 543 15.58 -4.10 -25.60
CA ASP A 543 16.48 -4.76 -24.65
C ASP A 543 16.64 -3.98 -23.36
N LYS A 544 16.62 -2.64 -23.46
CA LYS A 544 16.78 -1.82 -22.27
C LYS A 544 15.58 -1.97 -21.32
N VAL A 545 14.37 -1.82 -21.86
CA VAL A 545 13.18 -1.89 -21.01
C VAL A 545 12.85 -3.26 -20.45
N ARG A 546 13.43 -4.33 -21.01
CA ARG A 546 13.16 -5.67 -20.49
C ARG A 546 14.27 -6.14 -19.58
N GLY A 547 15.23 -5.26 -19.30
CA GLY A 547 16.33 -5.59 -18.41
C GLY A 547 17.40 -6.48 -19.02
N ALA A 548 17.67 -6.30 -20.31
CA ALA A 548 18.67 -7.11 -21.00
C ALA A 548 19.93 -6.33 -21.37
N ALA A 549 19.84 -5.01 -21.39
CA ALA A 549 20.99 -4.18 -21.74
C ALA A 549 22.24 -4.61 -20.99
#